data_7NZV
#
_entry.id   7NZV
#
_cell.length_a   82.500
_cell.length_b   112.622
_cell.length_c   62.600
_cell.angle_alpha   90.000
_cell.angle_beta   90.000
_cell.angle_gamma   90.000
#
_symmetry.space_group_name_H-M   'C 2 2 21'
#
loop_
_entity.id
_entity.type
_entity.pdbx_description
1 polymer '14-3-3 protein sigma'
2 polymer 'Transcription factor p65'
3 non-polymer 4-methanoyl-N-methyl-N-(oxan-4-yl)benzenesulfonamide
4 non-polymer 'CHLORIDE ION'
5 water water
#
loop_
_entity_poly.entity_id
_entity_poly.type
_entity_poly.pdbx_seq_one_letter_code
_entity_poly.pdbx_strand_id
1 'polypeptide(L)'
;GAMGSMERASLIQKAKLAEQAERYEDMAAFMKGAVEKGEELS(CSO)EERNLLSVAYKNVVGGQRAAWRVLSSIEQKSNE
EGSEEKGPEVREYREKVETELQGVCDTVLGLLDSHLIKEAGDAESRVFYLKMKGDYYRYLAEVATGDDKKRIIDSARSAY
QEAMDISKKEMPPTNPIRLGLALNFSVFHYEIANSPEEAISLAKTTFDEAMADLHTLSEDSYKDSTLIMQLLRDNLTLWT
;
A
2 'polypeptide(L)' EGRSAG(SEP)IPGRRS P
#
# COMPACT_ATOMS: atom_id res chain seq x y z
N ALA A 2 6.63 -6.45 21.53
CA ALA A 2 6.13 -7.71 22.08
C ALA A 2 6.97 -8.88 21.58
N MET A 3 7.70 -8.67 20.49
CA MET A 3 8.45 -9.74 19.86
C MET A 3 9.94 -9.61 20.13
N GLY A 4 10.34 -8.78 21.12
CA GLY A 4 11.74 -8.53 21.34
C GLY A 4 12.60 -9.73 21.74
N SER A 5 11.99 -10.76 22.34
N SER A 5 11.97 -10.76 22.33
CA SER A 5 12.75 -11.95 22.73
CA SER A 5 12.70 -11.95 22.75
C SER A 5 12.84 -12.99 21.63
C SER A 5 12.85 -12.97 21.64
N MET A 6 12.18 -12.80 20.49
CA MET A 6 12.29 -13.75 19.39
C MET A 6 13.37 -13.35 18.39
N GLU A 7 14.14 -14.35 17.94
CA GLU A 7 15.14 -14.15 16.89
C GLU A 7 14.51 -13.57 15.63
N ARG A 8 15.30 -12.72 14.98
CA ARG A 8 14.87 -12.16 13.70
C ARG A 8 14.49 -13.26 12.71
N ALA A 9 15.36 -14.27 12.55
CA ALA A 9 15.10 -15.29 11.55
C ALA A 9 13.84 -16.05 11.89
N SER A 10 13.56 -16.23 13.18
CA SER A 10 12.36 -16.96 13.62
C SER A 10 11.10 -16.16 13.33
N LEU A 11 11.19 -14.84 13.54
CA LEU A 11 10.07 -13.96 13.18
C LEU A 11 9.76 -14.03 11.69
N ILE A 12 10.79 -14.07 10.85
CA ILE A 12 10.59 -14.15 9.40
C ILE A 12 9.96 -15.49 9.05
N GLN A 13 10.50 -16.56 9.62
CA GLN A 13 9.93 -17.89 9.36
C GLN A 13 8.46 -17.97 9.76
N LYS A 14 8.12 -17.46 10.95
CA LYS A 14 6.75 -17.49 11.43
C LYS A 14 5.86 -16.60 10.58
N ALA A 15 6.40 -15.50 10.04
CA ALA A 15 5.56 -14.68 9.16
C ALA A 15 5.17 -15.46 7.91
N LYS A 16 6.08 -16.31 7.41
CA LYS A 16 5.73 -17.08 6.21
C LYS A 16 4.73 -18.16 6.54
N LEU A 17 4.87 -18.75 7.72
CA LEU A 17 3.89 -19.73 8.15
C LEU A 17 2.54 -19.07 8.38
N ALA A 18 2.53 -17.88 8.97
CA ALA A 18 1.27 -17.18 9.18
C ALA A 18 0.59 -16.86 7.86
N GLU A 19 1.36 -16.49 6.83
CA GLU A 19 0.74 -16.31 5.52
C GLU A 19 0.07 -17.60 5.02
N GLN A 20 0.76 -18.72 5.16
CA GLN A 20 0.21 -19.98 4.68
C GLN A 20 -1.07 -20.32 5.41
N ALA A 21 -1.13 -19.99 6.71
CA ALA A 21 -2.28 -20.29 7.57
C ALA A 21 -3.36 -19.20 7.48
N GLU A 22 -3.15 -18.20 6.62
CA GLU A 22 -4.04 -17.05 6.46
C GLU A 22 -4.31 -16.29 7.75
N ARG A 23 -3.29 -16.16 8.59
CA ARG A 23 -3.33 -15.46 9.88
C ARG A 23 -2.57 -14.15 9.71
N TYR A 24 -3.25 -13.18 9.10
CA TYR A 24 -2.57 -11.95 8.68
C TYR A 24 -2.28 -11.02 9.85
N GLU A 25 -3.12 -11.01 10.88
CA GLU A 25 -2.80 -10.25 12.07
C GLU A 25 -1.48 -10.75 12.69
N ASP A 26 -1.34 -12.07 12.83
CA ASP A 26 -0.07 -12.62 13.31
C ASP A 26 1.07 -12.25 12.39
N MET A 27 0.85 -12.43 11.09
CA MET A 27 1.87 -12.12 10.10
C MET A 27 2.38 -10.72 10.26
N ALA A 28 1.47 -9.77 10.45
CA ALA A 28 1.85 -8.36 10.64
C ALA A 28 2.64 -8.16 11.94
N ALA A 29 2.24 -8.86 13.02
CA ALA A 29 2.96 -8.68 14.26
C ALA A 29 4.36 -9.27 14.19
N PHE A 30 4.53 -10.39 13.50
CA PHE A 30 5.85 -10.97 13.32
C PHE A 30 6.73 -10.03 12.48
N MET A 31 6.16 -9.45 11.40
CA MET A 31 7.00 -8.59 10.56
C MET A 31 7.30 -7.27 11.27
N LYS A 32 6.36 -6.72 12.05
CA LYS A 32 6.69 -5.56 12.89
C LYS A 32 7.86 -5.90 13.81
N GLY A 33 7.78 -7.06 14.48
CA GLY A 33 8.91 -7.50 15.30
C GLY A 33 10.20 -7.57 14.53
N ALA A 34 10.15 -8.05 13.28
CA ALA A 34 11.39 -8.17 12.51
C ALA A 34 11.94 -6.78 12.16
N VAL A 35 11.06 -5.84 11.77
CA VAL A 35 11.54 -4.51 11.47
C VAL A 35 12.20 -3.91 12.70
N GLU A 36 11.57 -4.08 13.89
CA GLU A 36 12.11 -3.44 15.08
C GLU A 36 13.43 -4.02 15.52
N LYS A 37 13.90 -5.09 14.88
CA LYS A 37 15.28 -5.53 15.13
C LYS A 37 16.30 -4.53 14.65
N GLY A 38 15.92 -3.64 13.73
CA GLY A 38 16.83 -2.57 13.38
C GLY A 38 17.62 -2.79 12.10
N GLU A 39 17.63 -3.99 11.57
N GLU A 39 17.59 -3.99 11.54
CA GLU A 39 18.32 -4.23 10.32
CA GLU A 39 18.32 -4.26 10.33
C GLU A 39 17.44 -3.84 9.15
C GLU A 39 17.43 -3.96 9.11
N GLU A 40 18.08 -3.53 8.03
CA GLU A 40 17.36 -3.34 6.78
C GLU A 40 16.70 -4.67 6.35
N LEU A 41 15.70 -4.57 5.50
CA LEU A 41 14.96 -5.73 5.03
C LEU A 41 15.37 -6.05 3.60
N SER A 42 15.46 -7.34 3.28
CA SER A 42 15.66 -7.75 1.92
C SER A 42 14.41 -7.61 1.07
N GLU A 44 12.55 -9.91 -0.31
CA GLU A 44 11.51 -10.82 0.12
C GLU A 44 10.85 -10.37 1.45
N GLU A 45 11.69 -9.90 2.38
CA GLU A 45 11.19 -9.46 3.66
C GLU A 45 10.31 -8.23 3.50
N ARG A 46 10.68 -7.31 2.61
CA ARG A 46 9.81 -6.17 2.33
C ARG A 46 8.46 -6.64 1.85
N ASN A 47 8.43 -7.61 0.94
CA ASN A 47 7.15 -8.11 0.47
C ASN A 47 6.35 -8.76 1.61
N LEU A 48 6.99 -9.51 2.51
CA LEU A 48 6.23 -10.07 3.61
C LEU A 48 5.60 -8.97 4.47
N LEU A 49 6.34 -7.91 4.74
CA LEU A 49 5.80 -6.79 5.54
C LEU A 49 4.61 -6.15 4.83
N SER A 50 4.73 -5.93 3.53
CA SER A 50 3.66 -5.29 2.79
C SER A 50 2.44 -6.19 2.66
N VAL A 51 2.63 -7.48 2.41
CA VAL A 51 1.47 -8.36 2.27
C VAL A 51 0.71 -8.42 3.60
N ALA A 52 1.43 -8.54 4.72
CA ALA A 52 0.79 -8.65 6.02
C ALA A 52 -0.10 -7.46 6.30
N TYR A 53 0.45 -6.27 6.14
CA TYR A 53 -0.34 -5.09 6.48
C TYR A 53 -1.42 -4.81 5.45
N LYS A 54 -1.21 -5.17 4.17
CA LYS A 54 -2.27 -4.90 3.20
C LYS A 54 -3.47 -5.77 3.49
N ASN A 55 -3.23 -7.00 3.87
CA ASN A 55 -4.34 -7.86 4.26
C ASN A 55 -5.05 -7.36 5.51
N VAL A 56 -4.31 -6.97 6.54
CA VAL A 56 -4.96 -6.48 7.76
C VAL A 56 -5.79 -5.26 7.43
N VAL A 57 -5.18 -4.26 6.79
N VAL A 57 -5.18 -4.20 6.89
CA VAL A 57 -5.89 -3.01 6.58
CA VAL A 57 -5.96 -3.00 6.60
C VAL A 57 -6.93 -3.21 5.50
C VAL A 57 -7.03 -3.32 5.59
N GLY A 58 -6.76 -4.21 4.62
CA GLY A 58 -7.76 -4.50 3.62
C GLY A 58 -9.07 -4.99 4.23
N GLY A 59 -8.98 -5.85 5.24
CA GLY A 59 -10.17 -6.29 5.95
C GLY A 59 -10.85 -5.16 6.69
N GLN A 60 -10.06 -4.31 7.36
CA GLN A 60 -10.64 -3.17 8.07
C GLN A 60 -11.34 -2.22 7.11
N ARG A 61 -10.72 -1.95 5.96
CA ARG A 61 -11.34 -1.07 4.98
C ARG A 61 -12.63 -1.66 4.44
N ALA A 62 -12.66 -2.97 4.18
CA ALA A 62 -13.89 -3.59 3.70
C ALA A 62 -14.99 -3.47 4.75
N ALA A 63 -14.66 -3.68 6.03
CA ALA A 63 -15.65 -3.55 7.10
C ALA A 63 -16.13 -2.10 7.28
N TRP A 64 -15.18 -1.16 7.21
CA TRP A 64 -15.53 0.25 7.32
C TRP A 64 -16.51 0.63 6.22
N ARG A 65 -16.30 0.10 5.00
CA ARG A 65 -17.19 0.51 3.90
C ARG A 65 -18.58 -0.07 4.09
N VAL A 66 -18.68 -1.29 4.63
CA VAL A 66 -20.01 -1.86 4.93
C VAL A 66 -20.73 -1.01 5.97
N LEU A 67 -20.03 -0.66 7.06
CA LEU A 67 -20.66 0.08 8.13
C LEU A 67 -20.98 1.52 7.71
N SER A 68 -20.10 2.14 6.92
CA SER A 68 -20.35 3.51 6.45
C SER A 68 -21.57 3.53 5.56
N SER A 69 -21.77 2.47 4.78
CA SER A 69 -22.93 2.43 3.89
C SER A 69 -24.22 2.29 4.67
N ILE A 70 -24.24 1.41 5.66
CA ILE A 70 -25.40 1.29 6.54
C ILE A 70 -25.68 2.60 7.25
N GLU A 71 -24.63 3.30 7.66
CA GLU A 71 -24.81 4.51 8.45
C GLU A 71 -25.33 5.65 7.57
N GLN A 72 -24.92 5.68 6.32
CA GLN A 72 -25.41 6.70 5.40
C GLN A 72 -26.88 6.48 5.07
N LYS A 73 -27.28 5.21 4.87
CA LYS A 73 -28.71 4.92 4.73
C LYS A 73 -29.50 5.20 6.01
N SER A 74 -28.83 5.22 7.17
CA SER A 74 -29.52 5.46 8.43
C SER A 74 -29.76 6.93 8.69
N ASN A 75 -28.81 7.79 8.34
CA ASN A 75 -29.00 9.24 8.56
C ASN A 75 -29.16 9.98 7.23
N LYS A 82 -32.99 5.32 14.78
CA LYS A 82 -32.16 4.13 14.63
C LYS A 82 -31.40 3.81 15.91
N GLY A 83 -30.64 4.81 16.39
CA GLY A 83 -29.81 4.65 17.56
C GLY A 83 -28.38 5.03 17.25
N PRO A 84 -27.56 5.21 18.30
CA PRO A 84 -26.14 5.54 18.08
C PRO A 84 -25.29 4.35 17.60
N GLU A 85 -25.83 3.13 17.53
CA GLU A 85 -24.95 1.97 17.45
C GLU A 85 -24.18 1.87 16.13
N VAL A 86 -24.81 2.22 15.01
CA VAL A 86 -24.11 2.04 13.74
C VAL A 86 -22.94 3.01 13.65
N ARG A 87 -23.16 4.26 14.05
CA ARG A 87 -22.08 5.23 14.08
C ARG A 87 -21.02 4.83 15.09
N GLU A 88 -21.42 4.37 16.28
CA GLU A 88 -20.43 3.97 17.28
C GLU A 88 -19.54 2.86 16.74
N TYR A 89 -20.14 1.86 16.09
CA TYR A 89 -19.36 0.72 15.63
C TYR A 89 -18.49 1.10 14.44
N ARG A 90 -19.02 1.92 13.51
CA ARG A 90 -18.20 2.44 12.42
C ARG A 90 -16.98 3.20 12.96
N GLU A 91 -17.18 3.99 14.01
CA GLU A 91 -16.10 4.74 14.64
C GLU A 91 -15.08 3.80 15.25
N LYS A 92 -15.52 2.73 15.88
CA LYS A 92 -14.58 1.81 16.50
C LYS A 92 -13.70 1.18 15.45
N VAL A 93 -14.32 0.69 14.37
CA VAL A 93 -13.57 0.12 13.25
C VAL A 93 -12.61 1.15 12.66
N GLU A 94 -13.06 2.40 12.51
CA GLU A 94 -12.21 3.45 11.96
C GLU A 94 -10.99 3.70 12.83
N THR A 95 -11.17 3.70 14.15
CA THR A 95 -10.06 4.02 15.03
C THR A 95 -9.03 2.88 14.97
N GLU A 96 -9.50 1.65 14.88
N GLU A 96 -9.51 1.65 14.84
CA GLU A 96 -8.60 0.52 14.72
CA GLU A 96 -8.61 0.50 14.72
C GLU A 96 -7.83 0.61 13.41
C GLU A 96 -7.85 0.53 13.39
N LEU A 97 -8.54 0.93 12.31
CA LEU A 97 -7.86 1.09 11.02
C LEU A 97 -6.82 2.19 11.09
N GLN A 98 -7.19 3.33 11.66
CA GLN A 98 -6.23 4.42 11.81
C GLN A 98 -5.01 3.97 12.62
N GLY A 99 -5.23 3.13 13.62
CA GLY A 99 -4.13 2.68 14.43
C GLY A 99 -3.17 1.79 13.67
N VAL A 100 -3.70 0.93 12.81
CA VAL A 100 -2.82 0.10 11.99
C VAL A 100 -2.05 0.96 10.98
N CYS A 101 -2.71 1.94 10.36
CA CYS A 101 -1.97 2.77 9.42
C CYS A 101 -0.90 3.58 10.11
N ASP A 102 -1.20 4.10 11.33
CA ASP A 102 -0.20 4.81 12.12
C ASP A 102 0.98 3.89 12.48
N THR A 103 0.68 2.62 12.78
CA THR A 103 1.78 1.69 13.08
C THR A 103 2.70 1.53 11.88
N VAL A 104 2.14 1.27 10.70
CA VAL A 104 2.97 1.08 9.49
C VAL A 104 3.76 2.34 9.18
N LEU A 105 3.09 3.50 9.22
CA LEU A 105 3.78 4.76 8.98
C LEU A 105 4.91 4.97 9.98
N GLY A 106 4.70 4.53 11.21
CA GLY A 106 5.74 4.63 12.21
C GLY A 106 6.94 3.76 11.90
N LEU A 107 6.70 2.55 11.37
CA LEU A 107 7.82 1.69 10.99
C LEU A 107 8.59 2.33 9.84
N LEU A 108 7.87 2.95 8.88
CA LEU A 108 8.58 3.54 7.78
C LEU A 108 9.40 4.74 8.24
N ASP A 109 8.85 5.49 9.18
CA ASP A 109 9.53 6.66 9.72
C ASP A 109 10.67 6.30 10.66
N SER A 110 10.60 5.12 11.29
CA SER A 110 11.57 4.75 12.32
C SER A 110 11.98 3.31 12.14
N HIS A 111 12.86 3.02 11.19
CA HIS A 111 13.64 3.97 10.42
C HIS A 111 13.88 3.41 9.03
N LEU A 112 12.87 2.72 8.46
CA LEU A 112 13.05 2.04 7.17
C LEU A 112 13.39 3.00 6.02
N ILE A 113 12.69 4.13 5.90
CA ILE A 113 12.95 5.01 4.76
C ILE A 113 14.35 5.62 4.84
N LYS A 114 14.72 6.16 6.01
CA LYS A 114 15.98 6.88 6.08
C LYS A 114 17.17 5.97 5.85
N GLU A 115 17.03 4.66 6.10
CA GLU A 115 18.14 3.77 5.86
C GLU A 115 18.11 3.19 4.46
N ALA A 116 17.09 3.49 3.65
CA ALA A 116 16.90 2.87 2.34
C ALA A 116 17.63 3.70 1.30
N GLY A 117 18.76 3.22 0.82
CA GLY A 117 19.57 3.98 -0.11
C GLY A 117 19.51 3.48 -1.54
N ASP A 118 19.20 2.20 -1.74
CA ASP A 118 19.01 1.74 -3.10
C ASP A 118 17.65 2.18 -3.59
N ALA A 119 17.53 2.41 -4.90
CA ALA A 119 16.27 2.89 -5.45
C ALA A 119 15.14 1.91 -5.22
N GLU A 120 15.40 0.61 -5.32
CA GLU A 120 14.35 -0.40 -5.16
C GLU A 120 13.76 -0.38 -3.76
N SER A 121 14.59 -0.20 -2.75
CA SER A 121 14.03 -0.22 -1.42
C SER A 121 13.36 1.09 -1.11
N ARG A 122 13.98 2.20 -1.53
CA ARG A 122 13.42 3.52 -1.23
C ARG A 122 12.08 3.72 -1.91
N VAL A 123 11.99 3.37 -3.20
CA VAL A 123 10.70 3.43 -3.90
C VAL A 123 9.66 2.54 -3.22
N PHE A 124 10.04 1.31 -2.84
CA PHE A 124 9.09 0.43 -2.19
C PHE A 124 8.50 1.08 -0.93
N TYR A 125 9.35 1.65 -0.06
CA TYR A 125 8.84 2.17 1.19
C TYR A 125 8.05 3.45 0.99
N LEU A 126 8.42 4.27 -0.01
CA LEU A 126 7.66 5.48 -0.24
C LEU A 126 6.32 5.15 -0.84
N LYS A 127 6.23 4.14 -1.69
CA LYS A 127 4.92 3.71 -2.17
C LYS A 127 4.08 3.26 -0.99
N MET A 128 4.65 2.50 -0.04
CA MET A 128 3.89 2.08 1.14
C MET A 128 3.41 3.31 1.91
N LYS A 129 4.27 4.31 2.05
CA LYS A 129 3.87 5.50 2.77
C LYS A 129 2.69 6.21 2.08
N GLY A 130 2.75 6.34 0.77
CA GLY A 130 1.62 6.91 0.05
C GLY A 130 0.36 6.09 0.24
N ASP A 131 0.48 4.76 0.15
CA ASP A 131 -0.69 3.90 0.32
C ASP A 131 -1.33 4.06 1.71
N TYR A 132 -0.52 4.10 2.78
CA TYR A 132 -1.11 4.14 4.12
C TYR A 132 -1.66 5.54 4.43
N TYR A 133 -1.06 6.63 3.90
CA TYR A 133 -1.74 7.91 4.02
C TYR A 133 -3.02 7.90 3.19
N ARG A 134 -3.02 7.23 2.04
CA ARG A 134 -4.24 7.13 1.25
C ARG A 134 -5.37 6.44 2.03
N TYR A 135 -5.06 5.34 2.74
CA TYR A 135 -6.09 4.70 3.56
C TYR A 135 -6.57 5.62 4.69
N LEU A 136 -5.66 6.39 5.29
CA LEU A 136 -6.13 7.40 6.26
C LEU A 136 -7.05 8.40 5.59
N ALA A 137 -6.71 8.82 4.36
CA ALA A 137 -7.53 9.84 3.71
C ALA A 137 -8.92 9.33 3.39
N GLU A 138 -9.05 8.05 3.09
CA GLU A 138 -10.37 7.48 2.78
C GLU A 138 -11.37 7.69 3.90
N VAL A 139 -10.94 7.78 5.16
CA VAL A 139 -11.82 7.92 6.32
C VAL A 139 -11.71 9.28 6.98
N ALA A 140 -10.88 10.18 6.45
CA ALA A 140 -10.69 11.50 7.05
C ALA A 140 -11.81 12.45 6.65
N THR A 141 -12.14 13.36 7.57
CA THR A 141 -13.15 14.39 7.34
C THR A 141 -12.70 15.78 7.73
N GLY A 142 -11.98 15.94 8.83
CA GLY A 142 -11.88 17.19 9.56
C GLY A 142 -10.62 17.98 9.27
N ASP A 143 -10.03 18.52 10.35
CA ASP A 143 -9.07 19.62 10.24
C ASP A 143 -7.82 19.23 9.46
N ASP A 144 -7.42 17.96 9.52
CA ASP A 144 -6.17 17.53 8.91
C ASP A 144 -6.37 16.74 7.61
N LYS A 145 -7.59 16.64 7.09
CA LYS A 145 -7.82 15.82 5.90
C LYS A 145 -7.04 16.31 4.69
N LYS A 146 -7.09 17.61 4.43
CA LYS A 146 -6.28 18.14 3.34
C LYS A 146 -4.83 17.80 3.52
N ARG A 147 -4.34 17.85 4.78
CA ARG A 147 -2.93 17.58 5.04
C ARG A 147 -2.62 16.11 4.85
N ILE A 148 -3.58 15.21 5.19
CA ILE A 148 -3.39 13.78 4.97
C ILE A 148 -3.24 13.49 3.48
N ILE A 149 -4.13 14.06 2.68
CA ILE A 149 -4.07 13.90 1.23
C ILE A 149 -2.74 14.38 0.69
N ASP A 150 -2.27 15.55 1.15
CA ASP A 150 -0.97 16.04 0.69
C ASP A 150 0.17 15.14 1.12
N SER A 151 0.06 14.55 2.30
CA SER A 151 1.11 13.63 2.72
C SER A 151 1.17 12.40 1.82
N ALA A 152 0.00 11.87 1.43
CA ALA A 152 0.02 10.76 0.47
C ALA A 152 0.61 11.21 -0.86
N ARG A 153 0.11 12.34 -1.38
N ARG A 153 0.14 12.36 -1.36
CA ARG A 153 0.64 12.89 -2.63
CA ARG A 153 0.64 12.86 -2.65
C ARG A 153 2.15 13.06 -2.60
C ARG A 153 2.15 13.07 -2.62
N SER A 154 2.68 13.64 -1.53
CA SER A 154 4.10 13.91 -1.45
C SER A 154 4.91 12.61 -1.49
N ALA A 155 4.45 11.60 -0.78
CA ALA A 155 5.18 10.33 -0.75
C ALA A 155 5.17 9.67 -2.13
N TYR A 156 3.99 9.61 -2.75
CA TYR A 156 3.91 9.00 -4.09
C TYR A 156 4.76 9.76 -5.09
N GLN A 157 4.77 11.10 -4.98
CA GLN A 157 5.52 11.90 -5.96
C GLN A 157 7.03 11.70 -5.84
N GLU A 158 7.55 11.63 -4.60
CA GLU A 158 8.98 11.35 -4.44
C GLU A 158 9.32 9.97 -5.00
N ALA A 159 8.52 8.96 -4.66
CA ALA A 159 8.71 7.62 -5.25
C ALA A 159 8.71 7.68 -6.77
N MET A 160 7.78 8.49 -7.34
CA MET A 160 7.67 8.54 -8.78
C MET A 160 8.93 9.17 -9.34
N ASP A 161 9.43 10.23 -8.71
CA ASP A 161 10.63 10.89 -9.23
C ASP A 161 11.82 9.92 -9.21
N ILE A 162 11.97 9.14 -8.14
CA ILE A 162 13.09 8.19 -8.11
C ILE A 162 12.87 7.10 -9.15
N SER A 163 11.65 6.57 -9.25
CA SER A 163 11.43 5.43 -10.14
C SER A 163 11.69 5.81 -11.59
N LYS A 164 11.29 7.00 -12.01
CA LYS A 164 11.54 7.35 -13.40
C LYS A 164 13.00 7.53 -13.68
N LYS A 165 13.76 7.99 -12.70
CA LYS A 165 15.19 8.19 -12.88
C LYS A 165 15.99 6.89 -12.85
N GLU A 166 15.56 5.87 -12.07
CA GLU A 166 16.42 4.77 -11.71
C GLU A 166 15.90 3.39 -12.11
N MET A 167 14.69 3.25 -12.58
CA MET A 167 14.14 1.93 -12.89
C MET A 167 13.59 1.92 -14.30
N PRO A 168 13.67 0.78 -14.98
CA PRO A 168 13.04 0.68 -16.30
C PRO A 168 11.53 0.80 -16.20
N PRO A 169 10.86 1.22 -17.29
CA PRO A 169 9.42 1.41 -17.23
C PRO A 169 8.65 0.14 -17.00
N THR A 170 9.24 -1.06 -17.15
CA THR A 170 8.54 -2.29 -16.85
C THR A 170 8.77 -2.82 -15.43
N ASN A 171 9.59 -2.15 -14.61
CA ASN A 171 9.87 -2.67 -13.28
C ASN A 171 8.57 -2.80 -12.50
N PRO A 172 8.26 -3.97 -11.92
CA PRO A 172 6.97 -4.16 -11.24
C PRO A 172 6.67 -3.17 -10.13
N ILE A 173 7.69 -2.75 -9.37
CA ILE A 173 7.45 -1.74 -8.34
C ILE A 173 7.06 -0.42 -8.97
N ARG A 174 7.79 0.00 -10.01
CA ARG A 174 7.44 1.24 -10.69
C ARG A 174 6.04 1.19 -11.24
N LEU A 175 5.67 0.04 -11.81
CA LEU A 175 4.33 -0.14 -12.35
C LEU A 175 3.25 -0.12 -11.27
N GLY A 176 3.51 -0.80 -10.14
CA GLY A 176 2.49 -0.82 -9.09
C GLY A 176 2.37 0.53 -8.41
N LEU A 177 3.49 1.27 -8.28
CA LEU A 177 3.46 2.64 -7.76
C LEU A 177 2.60 3.51 -8.63
N ALA A 178 2.77 3.44 -9.95
CA ALA A 178 1.97 4.27 -10.85
C ALA A 178 0.49 3.88 -10.80
N LEU A 179 0.20 2.58 -10.78
CA LEU A 179 -1.16 2.13 -10.61
C LEU A 179 -1.78 2.75 -9.36
N ASN A 180 -1.09 2.63 -8.22
CA ASN A 180 -1.68 3.09 -6.98
C ASN A 180 -1.78 4.62 -6.94
N PHE A 181 -0.78 5.31 -7.51
CA PHE A 181 -0.85 6.79 -7.57
C PHE A 181 -1.99 7.23 -8.45
N SER A 182 -2.27 6.47 -9.54
CA SER A 182 -3.42 6.81 -10.39
C SER A 182 -4.73 6.61 -9.64
N VAL A 183 -4.81 5.59 -8.79
CA VAL A 183 -6.00 5.39 -7.95
C VAL A 183 -6.14 6.54 -6.96
N PHE A 184 -5.03 6.96 -6.35
CA PHE A 184 -5.04 8.14 -5.50
C PHE A 184 -5.67 9.32 -6.26
N HIS A 185 -5.22 9.57 -7.49
CA HIS A 185 -5.73 10.72 -8.22
C HIS A 185 -7.21 10.59 -8.46
N TYR A 186 -7.66 9.40 -8.86
CA TYR A 186 -9.05 9.18 -9.23
C TYR A 186 -9.96 9.20 -8.01
N GLU A 187 -9.57 8.51 -6.94
CA GLU A 187 -10.48 8.26 -5.81
C GLU A 187 -10.35 9.25 -4.68
N ILE A 188 -9.18 9.85 -4.49
CA ILE A 188 -8.91 10.69 -3.32
C ILE A 188 -8.77 12.15 -3.73
N ALA A 189 -8.03 12.41 -4.83
CA ALA A 189 -7.69 13.77 -5.22
C ALA A 189 -8.74 14.42 -6.13
N ASN A 190 -9.76 13.69 -6.52
CA ASN A 190 -10.78 14.20 -7.46
C ASN A 190 -10.12 14.72 -8.75
N SER A 191 -9.16 13.96 -9.27
CA SER A 191 -8.42 14.32 -10.48
C SER A 191 -8.49 13.17 -11.47
N PRO A 192 -9.69 12.82 -11.99
CA PRO A 192 -9.76 11.68 -12.91
C PRO A 192 -8.94 11.85 -14.18
N GLU A 193 -8.77 13.05 -14.69
CA GLU A 193 -7.95 13.20 -15.89
C GLU A 193 -6.47 12.92 -15.61
N GLU A 194 -5.96 13.33 -14.44
CA GLU A 194 -4.59 13.02 -14.05
C GLU A 194 -4.44 11.53 -13.89
N ALA A 195 -5.47 10.87 -13.32
CA ALA A 195 -5.43 9.42 -13.15
C ALA A 195 -5.34 8.70 -14.49
N ILE A 196 -6.16 9.13 -15.45
CA ILE A 196 -6.20 8.48 -16.75
C ILE A 196 -4.91 8.72 -17.51
N SER A 197 -4.39 9.93 -17.46
CA SER A 197 -3.16 10.25 -18.17
C SER A 197 -1.99 9.45 -17.59
N LEU A 198 -1.93 9.34 -16.26
CA LEU A 198 -0.84 8.58 -15.65
C LEU A 198 -0.94 7.11 -16.03
N ALA A 199 -2.14 6.53 -15.98
CA ALA A 199 -2.26 5.12 -16.31
C ALA A 199 -1.93 4.85 -17.78
N LYS A 200 -2.37 5.74 -18.70
CA LYS A 200 -2.09 5.56 -20.12
C LYS A 200 -0.60 5.68 -20.41
N THR A 201 0.05 6.71 -19.89
CA THR A 201 1.47 6.90 -20.14
C THR A 201 2.30 5.76 -19.54
N THR A 202 1.93 5.33 -18.34
CA THR A 202 2.62 4.19 -17.74
C THR A 202 2.47 2.96 -18.58
N PHE A 203 1.24 2.68 -19.02
CA PHE A 203 1.01 1.48 -19.82
C PHE A 203 1.82 1.51 -21.12
N ASP A 204 1.77 2.62 -21.84
CA ASP A 204 2.42 2.73 -23.15
C ASP A 204 3.95 2.63 -23.03
N GLU A 205 4.52 3.25 -22.00
CA GLU A 205 5.96 3.21 -21.83
C GLU A 205 6.39 1.82 -21.40
N ALA A 206 5.57 1.10 -20.64
CA ALA A 206 5.93 -0.30 -20.37
C ALA A 206 5.84 -1.17 -21.63
N MET A 207 4.78 -0.99 -22.42
CA MET A 207 4.63 -1.79 -23.62
C MET A 207 5.87 -1.71 -24.49
N ALA A 208 6.41 -0.52 -24.65
CA ALA A 208 7.55 -0.27 -25.49
C ALA A 208 8.85 -0.84 -24.93
N ASP A 209 8.86 -1.31 -23.68
CA ASP A 209 10.05 -1.87 -23.05
C ASP A 209 9.95 -3.38 -22.87
N LEU A 210 8.81 -3.99 -23.22
CA LEU A 210 8.65 -5.43 -22.99
C LEU A 210 9.64 -6.27 -23.80
N HIS A 211 10.09 -5.76 -24.94
CA HIS A 211 11.00 -6.52 -25.79
C HIS A 211 12.30 -6.84 -25.07
N THR A 212 12.64 -6.09 -24.00
CA THR A 212 13.91 -6.26 -23.32
C THR A 212 13.90 -7.37 -22.29
N LEU A 213 12.76 -7.97 -22.02
CA LEU A 213 12.52 -8.81 -20.87
C LEU A 213 12.56 -10.30 -21.19
N SER A 214 12.97 -11.07 -20.16
CA SER A 214 12.87 -12.51 -20.19
C SER A 214 11.40 -12.91 -20.07
N GLU A 215 11.12 -14.19 -20.36
CA GLU A 215 9.76 -14.68 -20.25
C GLU A 215 9.16 -14.50 -18.85
N ASP A 216 9.95 -14.74 -17.79
CA ASP A 216 9.39 -14.62 -16.44
C ASP A 216 9.11 -13.16 -16.09
N SER A 217 10.03 -12.26 -16.43
CA SER A 217 9.83 -10.83 -16.17
C SER A 217 8.69 -10.28 -17.01
N TYR A 218 8.60 -10.72 -18.28
CA TYR A 218 7.44 -10.38 -19.10
C TYR A 218 6.14 -10.71 -18.40
N LYS A 219 6.05 -11.90 -17.81
CA LYS A 219 4.81 -12.26 -17.12
C LYS A 219 4.57 -11.33 -15.93
N ASP A 220 5.63 -10.95 -15.22
CA ASP A 220 5.46 -10.08 -14.05
C ASP A 220 4.94 -8.70 -14.45
N SER A 221 5.57 -8.10 -15.47
CA SER A 221 5.15 -6.75 -15.89
C SER A 221 3.77 -6.72 -16.53
N THR A 222 3.45 -7.73 -17.35
CA THR A 222 2.19 -7.69 -18.06
C THR A 222 1.03 -7.91 -17.12
N LEU A 223 1.24 -8.66 -16.03
CA LEU A 223 0.19 -8.79 -15.02
C LEU A 223 -0.25 -7.41 -14.51
N ILE A 224 0.72 -6.57 -14.14
CA ILE A 224 0.36 -5.25 -13.57
C ILE A 224 -0.11 -4.32 -14.68
N MET A 225 0.45 -4.46 -15.89
CA MET A 225 -0.10 -3.64 -16.98
C MET A 225 -1.58 -3.88 -17.19
N GLN A 226 -2.02 -5.13 -17.01
CA GLN A 226 -3.42 -5.45 -17.21
C GLN A 226 -4.28 -4.79 -16.13
N LEU A 227 -3.75 -4.62 -14.93
CA LEU A 227 -4.47 -3.86 -13.92
C LEU A 227 -4.63 -2.40 -14.34
N LEU A 228 -3.58 -1.82 -14.96
CA LEU A 228 -3.72 -0.45 -15.49
C LEU A 228 -4.79 -0.40 -16.55
N ARG A 229 -4.80 -1.39 -17.45
CA ARG A 229 -5.82 -1.44 -18.51
C ARG A 229 -7.22 -1.62 -17.93
N ASP A 230 -7.36 -2.43 -16.88
CA ASP A 230 -8.69 -2.61 -16.31
C ASP A 230 -9.20 -1.29 -15.76
N ASN A 231 -8.32 -0.49 -15.16
CA ASN A 231 -8.80 0.78 -14.61
C ASN A 231 -9.20 1.72 -15.72
N LEU A 232 -8.37 1.79 -16.75
CA LEU A 232 -8.65 2.68 -17.87
C LEU A 232 -9.98 2.33 -18.50
N THR A 233 -10.29 1.03 -18.56
CA THR A 233 -11.57 0.59 -19.11
C THR A 233 -12.73 1.07 -18.25
N LEU A 234 -12.56 1.03 -16.93
CA LEU A 234 -13.60 1.52 -16.06
C LEU A 234 -13.74 3.03 -16.15
N TRP A 235 -12.62 3.76 -16.27
CA TRP A 235 -12.62 5.21 -16.17
C TRP A 235 -12.90 5.92 -17.50
N THR A 236 -12.85 5.21 -18.62
CA THR A 236 -13.09 5.82 -19.91
C THR A 236 -14.24 5.11 -20.59
N ALA B 5 -12.37 1.01 -9.28
CA ALA B 5 -10.95 1.27 -9.52
C ALA B 5 -10.12 0.41 -8.57
N GLY B 6 -9.25 -0.42 -9.14
CA GLY B 6 -8.46 -1.33 -8.33
C GLY B 6 -7.00 -0.97 -8.16
N ILE B 8 -3.07 -2.24 -6.50
CA ILE B 8 -2.30 -3.47 -6.44
C ILE B 8 -2.99 -4.35 -5.39
N PRO B 9 -3.41 -5.57 -5.75
CA PRO B 9 -3.98 -6.46 -4.74
C PRO B 9 -3.00 -6.56 -3.58
N GLY B 10 -1.85 -7.13 -3.89
CA GLY B 10 -0.77 -7.18 -2.93
C GLY B 10 -1.09 -7.95 -1.70
N ARG B 11 -1.91 -9.00 -1.81
CA ARG B 11 -2.34 -9.76 -0.65
C ARG B 11 -1.76 -11.17 -0.60
N ARG B 12 -0.80 -11.46 -1.48
CA ARG B 12 -0.14 -12.77 -1.53
C ARG B 12 1.15 -12.61 -2.33
N SER B 13 2.29 -12.97 -1.71
CA SER B 13 3.66 -12.96 -2.29
C SER B 13 4.66 -12.57 -1.20
#